data_1HBI
#
_entry.id   1HBI
#
_cell.length_a   93.200
_cell.length_b   44.000
_cell.length_c   83.500
_cell.angle_alpha   90.00
_cell.angle_beta   122.00
_cell.angle_gamma   90.00
#
_symmetry.space_group_name_H-M   'C 1 2 1'
#
loop_
_entity.id
_entity.type
_entity.pdbx_description
1 polymer 'HEMOGLOBIN (OXY)'
2 non-polymer 'PROTOPORPHYRIN IX CONTAINING FE'
3 non-polymer 'OXYGEN MOLECULE'
4 water water
#
_entity_poly.entity_id   1
_entity_poly.type   'polypeptide(L)'
_entity_poly.pdbx_seq_one_letter_code
;PSVYDAAAQLTADVKKDLRDSWKVIGSDKKGNGVALMTTLFADNQETIGYFKRLGNVSQGMANDKLRGHSITLMYALQNF
IDQLDNPDDLVCVVEKFAVNHITRKISAAEFGKINGPIKKVLASKNFGDKYANAWAKLVAVVQAAL
;
_entity_poly.pdbx_strand_id   A,B
#
loop_
_chem_comp.id
_chem_comp.type
_chem_comp.name
_chem_comp.formula
HEM non-polymer 'PROTOPORPHYRIN IX CONTAINING FE' 'C34 H32 Fe N4 O4'
OXY non-polymer 'OXYGEN MOLECULE' O2
#
# COMPACT_ATOMS: atom_id res chain seq x y z
N SER A 2 19.72 -6.79 12.28
CA SER A 2 18.49 -6.95 13.13
C SER A 2 17.51 -5.81 12.87
N VAL A 3 16.34 -6.15 12.35
CA VAL A 3 15.33 -5.13 12.05
C VAL A 3 14.96 -4.35 13.32
N TYR A 4 14.89 -5.01 14.48
CA TYR A 4 14.61 -4.36 15.76
C TYR A 4 15.64 -3.34 16.18
N ASP A 5 16.91 -3.69 16.05
CA ASP A 5 17.95 -2.67 16.35
C ASP A 5 17.91 -1.51 15.35
N ALA A 6 17.62 -1.83 14.08
CA ALA A 6 17.56 -0.75 13.05
C ALA A 6 16.43 0.21 13.38
N ALA A 7 15.30 -0.41 13.74
CA ALA A 7 14.10 0.35 14.16
C ALA A 7 14.40 1.30 15.33
N ALA A 8 15.26 0.85 16.23
CA ALA A 8 15.65 1.62 17.42
C ALA A 8 16.43 2.89 17.15
N GLN A 9 16.99 2.99 15.97
CA GLN A 9 17.78 4.09 15.48
C GLN A 9 16.89 5.26 15.06
N LEU A 10 15.57 4.99 15.03
CA LEU A 10 14.64 6.08 14.64
C LEU A 10 14.32 6.83 15.94
N THR A 11 15.23 7.76 16.21
CA THR A 11 15.11 8.64 17.37
C THR A 11 14.08 9.75 17.11
N ALA A 12 13.86 10.51 18.18
CA ALA A 12 12.88 11.61 18.15
C ALA A 12 13.11 12.53 16.96
N ASP A 13 14.37 12.94 16.86
CA ASP A 13 14.77 13.92 15.83
C ASP A 13 14.65 13.34 14.42
N VAL A 14 15.00 12.08 14.26
CA VAL A 14 14.88 11.41 12.93
C VAL A 14 13.37 11.34 12.58
N LYS A 15 12.60 10.86 13.55
CA LYS A 15 11.13 10.78 13.37
C LYS A 15 10.54 12.11 12.92
N LYS A 16 10.98 13.19 13.56
CA LYS A 16 10.51 14.54 13.27
C LYS A 16 10.85 14.94 11.83
N ASP A 17 12.09 14.67 11.45
CA ASP A 17 12.52 15.07 10.06
C ASP A 17 11.76 14.23 9.04
N LEU A 18 11.57 12.92 9.36
CA LEU A 18 10.76 12.12 8.39
C LEU A 18 9.39 12.73 8.17
N ARG A 19 8.70 13.03 9.31
CA ARG A 19 7.32 13.59 9.24
C ARG A 19 7.21 14.90 8.49
N ASP A 20 8.12 15.82 8.84
CA ASP A 20 8.15 17.19 8.31
C ASP A 20 8.32 17.16 6.77
N SER A 21 9.26 16.30 6.35
CA SER A 21 9.57 16.16 4.90
C SER A 21 8.46 15.41 4.18
N TRP A 22 7.92 14.40 4.79
CA TRP A 22 6.80 13.61 4.21
C TRP A 22 5.60 14.51 3.94
N LYS A 23 5.34 15.53 4.80
CA LYS A 23 4.21 16.45 4.55
C LYS A 23 4.29 17.06 3.18
N VAL A 24 5.52 17.33 2.71
CA VAL A 24 5.72 17.88 1.37
C VAL A 24 5.72 16.78 0.28
N ILE A 25 6.64 15.84 0.41
CA ILE A 25 6.76 14.78 -0.59
C ILE A 25 5.47 13.96 -0.72
N GLY A 26 4.85 13.62 0.38
CA GLY A 26 3.68 12.74 0.30
C GLY A 26 2.45 13.44 -0.19
N SER A 27 2.57 14.78 -0.40
CA SER A 27 1.37 15.45 -0.87
C SER A 27 1.14 15.26 -2.36
N ASP A 28 2.13 14.78 -3.13
CA ASP A 28 1.93 14.56 -4.58
C ASP A 28 2.52 13.15 -4.84
N LYS A 29 1.65 12.20 -4.53
CA LYS A 29 2.17 10.81 -4.61
C LYS A 29 2.45 10.41 -6.04
N LYS A 30 1.57 10.76 -6.95
CA LYS A 30 1.77 10.44 -8.38
C LYS A 30 3.04 11.09 -8.94
N GLY A 31 3.16 12.39 -8.76
CA GLY A 31 4.27 13.12 -9.38
C GLY A 31 5.58 12.68 -8.74
N ASN A 32 5.61 12.61 -7.42
CA ASN A 32 6.82 12.30 -6.65
C ASN A 32 7.25 10.84 -6.75
N GLY A 33 6.27 9.98 -6.73
CA GLY A 33 6.46 8.51 -6.93
C GLY A 33 7.05 8.28 -8.34
N VAL A 34 6.50 8.84 -9.38
CA VAL A 34 7.05 8.71 -10.74
C VAL A 34 8.49 9.28 -10.80
N ALA A 35 8.71 10.43 -10.22
CA ALA A 35 10.07 11.01 -10.19
C ALA A 35 11.06 10.10 -9.51
N LEU A 36 10.72 9.56 -8.33
CA LEU A 36 11.58 8.59 -7.69
C LEU A 36 11.97 7.41 -8.64
N MET A 37 11.00 6.75 -9.21
CA MET A 37 11.25 5.58 -10.06
C MET A 37 12.09 5.97 -11.28
N THR A 38 11.77 7.06 -11.93
CA THR A 38 12.53 7.42 -13.18
C THR A 38 13.94 7.83 -12.82
N THR A 39 14.14 8.44 -11.66
CA THR A 39 15.51 8.75 -11.22
C THR A 39 16.26 7.43 -10.93
N LEU A 40 15.58 6.49 -10.28
CA LEU A 40 16.24 5.18 -10.08
C LEU A 40 16.75 4.60 -11.44
N PHE A 41 15.88 4.62 -12.40
CA PHE A 41 16.13 3.93 -13.71
C PHE A 41 17.27 4.65 -14.46
N ALA A 42 17.30 5.95 -14.32
CA ALA A 42 18.24 6.82 -15.06
C ALA A 42 19.61 6.76 -14.44
N ASP A 43 19.72 6.67 -13.13
CA ASP A 43 20.99 6.68 -12.40
C ASP A 43 21.45 5.24 -12.19
N ASN A 44 20.54 4.28 -12.25
CA ASN A 44 20.95 2.88 -11.93
C ASN A 44 20.34 1.97 -12.97
N GLN A 45 20.83 2.16 -14.19
CA GLN A 45 20.35 1.46 -15.37
C GLN A 45 20.24 -0.04 -15.20
N GLU A 46 21.12 -0.57 -14.38
CA GLU A 46 21.23 -2.03 -14.18
C GLU A 46 20.11 -2.63 -13.38
N THR A 47 19.20 -1.78 -12.87
CA THR A 47 18.04 -2.30 -12.10
C THR A 47 16.80 -2.45 -12.95
N ILE A 48 16.76 -1.90 -14.13
CA ILE A 48 15.59 -1.88 -14.99
C ILE A 48 15.04 -3.26 -15.30
N GLY A 49 15.93 -4.24 -15.41
CA GLY A 49 15.57 -5.61 -15.74
C GLY A 49 14.69 -6.23 -14.64
N TYR A 50 14.78 -5.80 -13.41
CA TYR A 50 13.92 -6.32 -12.33
C TYR A 50 12.45 -5.99 -12.59
N PHE A 51 12.24 -4.94 -13.39
CA PHE A 51 10.90 -4.34 -13.56
C PHE A 51 10.31 -4.69 -14.91
N LYS A 52 10.69 -5.84 -15.46
CA LYS A 52 10.12 -6.28 -16.75
C LYS A 52 8.59 -6.23 -16.81
N ARG A 53 7.94 -6.54 -15.69
CA ARG A 53 6.45 -6.53 -15.74
C ARG A 53 5.86 -5.18 -16.10
N LEU A 54 6.48 -4.07 -15.80
CA LEU A 54 5.99 -2.72 -16.09
C LEU A 54 6.13 -2.31 -17.56
N GLY A 55 6.89 -3.07 -18.36
CA GLY A 55 6.98 -2.72 -19.82
C GLY A 55 8.03 -1.65 -20.02
N ASN A 56 7.76 -0.66 -20.87
CA ASN A 56 8.71 0.39 -21.21
C ASN A 56 8.74 1.54 -20.17
N VAL A 57 9.68 1.39 -19.25
CA VAL A 57 9.77 2.31 -18.11
C VAL A 57 10.24 3.69 -18.55
N SER A 58 10.77 3.78 -19.78
CA SER A 58 11.31 5.09 -20.23
C SER A 58 10.15 6.03 -20.59
N GLN A 59 8.98 5.43 -20.74
CA GLN A 59 7.76 6.19 -20.97
C GLN A 59 7.36 7.05 -19.78
N GLY A 60 7.85 6.77 -18.62
CA GLY A 60 7.58 7.57 -17.41
C GLY A 60 6.07 7.64 -17.09
N MET A 61 5.58 8.85 -16.89
CA MET A 61 4.15 9.05 -16.46
C MET A 61 3.14 8.45 -17.39
N ALA A 62 3.45 8.38 -18.67
CA ALA A 62 2.62 7.85 -19.76
C ALA A 62 2.39 6.33 -19.71
N ASN A 63 3.22 5.63 -18.95
CA ASN A 63 3.13 4.19 -18.75
C ASN A 63 2.23 3.92 -17.51
N ASP A 64 1.03 3.37 -17.82
CA ASP A 64 0.02 3.06 -16.84
C ASP A 64 0.48 2.17 -15.68
N LYS A 65 1.22 1.15 -16.05
CA LYS A 65 1.77 0.20 -15.07
C LYS A 65 2.76 0.87 -14.15
N LEU A 66 3.68 1.67 -14.74
CA LEU A 66 4.65 2.39 -13.95
C LEU A 66 3.92 3.42 -13.02
N ARG A 67 2.89 4.06 -13.52
CA ARG A 67 2.12 5.03 -12.72
C ARG A 67 1.46 4.29 -11.58
N GLY A 68 0.80 3.16 -11.88
CA GLY A 68 0.21 2.31 -10.83
C GLY A 68 1.15 1.85 -9.76
N HIS A 69 2.34 1.40 -10.14
CA HIS A 69 3.44 0.99 -9.33
C HIS A 69 3.93 2.10 -8.38
N SER A 70 4.15 3.27 -9.00
CA SER A 70 4.69 4.45 -8.37
C SER A 70 3.77 4.99 -7.25
N ILE A 71 2.51 5.21 -7.63
CA ILE A 71 1.52 5.60 -6.58
C ILE A 71 1.57 4.65 -5.41
N THR A 72 1.55 3.35 -5.70
CA THR A 72 1.45 2.31 -4.68
C THR A 72 2.65 2.31 -3.75
N LEU A 73 3.83 2.56 -4.31
CA LEU A 73 5.10 2.63 -3.55
C LEU A 73 4.95 3.81 -2.56
N MET A 74 4.38 4.92 -2.99
CA MET A 74 4.18 6.10 -2.13
C MET A 74 3.25 5.77 -0.94
N TYR A 75 2.31 4.86 -1.11
CA TYR A 75 1.49 4.39 0.03
C TYR A 75 2.26 3.46 0.94
N ALA A 76 3.20 2.69 0.46
CA ALA A 76 4.09 1.95 1.36
C ALA A 76 4.83 2.95 2.23
N LEU A 77 5.37 4.03 1.73
CA LEU A 77 6.03 5.05 2.54
C LEU A 77 5.04 5.69 3.55
N GLN A 78 3.88 6.04 3.06
CA GLN A 78 2.77 6.51 3.98
C GLN A 78 2.66 5.58 5.16
N ASN A 79 2.53 4.27 4.91
CA ASN A 79 2.40 3.22 5.87
C ASN A 79 3.47 3.29 6.94
N PHE A 80 4.76 3.30 6.53
CA PHE A 80 5.89 3.37 7.42
C PHE A 80 5.78 4.61 8.34
N ILE A 81 5.50 5.73 7.68
CA ILE A 81 5.43 7.03 8.40
C ILE A 81 4.36 6.89 9.54
N ASP A 82 3.24 6.28 9.19
CA ASP A 82 2.08 6.13 10.16
C ASP A 82 2.44 5.15 11.26
N GLN A 83 3.38 4.25 11.09
CA GLN A 83 3.79 3.30 12.09
C GLN A 83 4.91 3.77 12.99
N LEU A 84 5.46 4.97 12.79
CA LEU A 84 6.65 5.37 13.57
C LEU A 84 6.41 5.36 15.08
N ASP A 85 5.18 5.63 15.53
CA ASP A 85 4.84 5.64 16.97
C ASP A 85 5.09 4.30 17.63
N ASN A 86 4.86 3.23 16.87
CA ASN A 86 4.91 1.87 17.37
C ASN A 86 5.87 0.94 16.63
N PRO A 87 6.96 0.61 17.30
CA PRO A 87 8.00 -0.24 16.72
C PRO A 87 7.59 -1.62 16.31
N ASP A 88 6.72 -2.28 17.05
CA ASP A 88 6.31 -3.65 16.69
C ASP A 88 5.45 -3.62 15.41
N ASP A 89 4.74 -2.54 15.24
CA ASP A 89 3.89 -2.35 14.05
C ASP A 89 4.74 -1.96 12.83
N LEU A 90 5.64 -1.03 13.04
CA LEU A 90 6.55 -0.69 11.91
C LEU A 90 7.27 -1.97 11.45
N VAL A 91 7.77 -2.76 12.39
CA VAL A 91 8.53 -3.96 12.04
C VAL A 91 7.70 -4.93 11.22
N CYS A 92 6.48 -5.18 11.68
CA CYS A 92 5.61 -6.10 10.89
C CYS A 92 5.31 -5.62 9.48
N VAL A 93 5.11 -4.33 9.26
CA VAL A 93 4.84 -3.84 7.89
C VAL A 93 6.14 -3.89 7.04
N VAL A 94 7.25 -3.52 7.65
CA VAL A 94 8.59 -3.64 7.04
C VAL A 94 8.80 -5.08 6.57
N GLU A 95 8.62 -6.06 7.41
CA GLU A 95 8.73 -7.46 7.04
C GLU A 95 7.82 -7.88 5.94
N LYS A 96 6.57 -7.40 5.87
CA LYS A 96 5.67 -7.70 4.76
C LYS A 96 6.27 -7.19 3.45
N PHE A 97 6.72 -5.95 3.38
CA PHE A 97 7.25 -5.41 2.11
C PHE A 97 8.62 -6.08 1.80
N ALA A 98 9.37 -6.45 2.82
CA ALA A 98 10.66 -7.15 2.60
C ALA A 98 10.37 -8.41 1.80
N VAL A 99 9.35 -9.15 2.22
CA VAL A 99 8.98 -10.38 1.50
C VAL A 99 8.78 -10.06 0.01
N ASN A 100 8.15 -8.96 -0.36
CA ASN A 100 7.81 -8.64 -1.75
C ASN A 100 9.14 -8.48 -2.57
N HIS A 101 10.20 -8.09 -1.88
CA HIS A 101 11.47 -7.82 -2.58
C HIS A 101 12.34 -9.05 -2.57
N ILE A 102 12.24 -9.79 -1.46
CA ILE A 102 13.01 -11.03 -1.31
C ILE A 102 12.62 -12.00 -2.43
N THR A 103 11.35 -12.07 -2.75
CA THR A 103 10.87 -12.97 -3.80
C THR A 103 11.30 -12.51 -5.20
N ARG A 104 11.64 -11.21 -5.33
CA ARG A 104 12.10 -10.67 -6.61
C ARG A 104 13.65 -10.62 -6.63
N LYS A 105 14.25 -11.26 -5.66
CA LYS A 105 15.70 -11.41 -5.55
C LYS A 105 16.44 -10.09 -5.34
N ILE A 106 15.82 -9.19 -4.60
CA ILE A 106 16.46 -7.86 -4.34
C ILE A 106 17.26 -7.95 -3.07
N SER A 107 18.54 -7.63 -3.08
CA SER A 107 19.39 -7.68 -1.90
C SER A 107 19.34 -6.29 -1.17
N ALA A 108 19.88 -6.33 0.04
CA ALA A 108 19.97 -5.11 0.86
C ALA A 108 20.66 -4.01 0.09
N ALA A 109 21.78 -4.48 -0.50
CA ALA A 109 22.61 -3.56 -1.29
C ALA A 109 21.86 -2.96 -2.44
N GLU A 110 21.08 -3.78 -3.17
CA GLU A 110 20.36 -3.23 -4.32
C GLU A 110 19.21 -2.33 -3.89
N PHE A 111 18.59 -2.75 -2.79
CA PHE A 111 17.49 -1.94 -2.19
C PHE A 111 18.01 -0.54 -1.81
N GLY A 112 19.19 -0.42 -1.26
CA GLY A 112 19.82 0.85 -0.91
C GLY A 112 20.11 1.81 -2.06
N LYS A 113 20.00 1.34 -3.30
CA LYS A 113 20.12 2.20 -4.49
C LYS A 113 19.02 3.23 -4.58
N ILE A 114 17.92 3.04 -3.84
CA ILE A 114 16.88 4.07 -3.74
C ILE A 114 17.36 5.31 -2.98
N ASN A 115 18.44 5.24 -2.22
CA ASN A 115 18.88 6.44 -1.44
C ASN A 115 19.19 7.65 -2.35
N GLY A 116 19.87 7.36 -3.47
CA GLY A 116 20.18 8.36 -4.47
C GLY A 116 18.97 9.11 -4.95
N PRO A 117 17.98 8.45 -5.50
CA PRO A 117 16.73 9.04 -5.94
C PRO A 117 16.01 9.81 -4.80
N ILE A 118 16.01 9.28 -3.58
CA ILE A 118 15.33 10.00 -2.46
C ILE A 118 16.03 11.33 -2.19
N LYS A 119 17.32 11.31 -2.06
CA LYS A 119 18.09 12.56 -1.83
C LYS A 119 17.85 13.56 -2.92
N LYS A 120 17.71 13.09 -4.19
CA LYS A 120 17.46 13.99 -5.32
C LYS A 120 16.06 14.61 -5.29
N VAL A 121 15.07 13.76 -5.07
CA VAL A 121 13.68 14.22 -4.97
C VAL A 121 13.54 15.19 -3.78
N LEU A 122 14.02 14.82 -2.60
CA LEU A 122 14.10 15.83 -1.51
C LEU A 122 14.79 17.12 -1.97
N ALA A 123 15.96 17.01 -2.61
CA ALA A 123 16.70 18.28 -2.90
C ALA A 123 15.86 19.13 -3.84
N SER A 124 15.08 18.52 -4.68
CA SER A 124 14.32 19.30 -5.65
C SER A 124 13.22 20.12 -4.92
N LYS A 125 12.92 19.74 -3.72
CA LYS A 125 11.89 20.37 -2.86
C LYS A 125 12.53 21.21 -1.77
N ASN A 126 13.85 21.40 -1.81
CA ASN A 126 14.62 22.21 -0.85
C ASN A 126 14.81 21.51 0.47
N PHE A 127 14.76 20.18 0.50
CA PHE A 127 15.15 19.39 1.68
C PHE A 127 16.58 18.81 1.42
N GLY A 128 17.51 19.20 2.26
CA GLY A 128 18.91 18.90 2.23
C GLY A 128 19.30 17.57 2.82
N ASP A 129 20.63 17.46 2.96
CA ASP A 129 21.29 16.26 3.45
C ASP A 129 20.74 15.77 4.78
N LYS A 130 20.45 16.68 5.71
CA LYS A 130 19.82 16.28 6.98
C LYS A 130 18.60 15.35 6.72
N TYR A 131 17.76 15.76 5.83
CA TYR A 131 16.55 14.98 5.48
C TYR A 131 16.93 13.72 4.72
N ALA A 132 17.80 13.84 3.71
CA ALA A 132 18.25 12.62 3.01
C ALA A 132 18.73 11.62 4.03
N ASN A 133 19.50 12.06 5.03
CA ASN A 133 20.06 11.15 6.01
C ASN A 133 18.97 10.50 6.89
N ALA A 134 17.92 11.25 7.23
CA ALA A 134 16.80 10.69 8.02
C ALA A 134 16.19 9.53 7.24
N TRP A 135 16.01 9.81 5.96
CA TRP A 135 15.37 8.81 5.06
C TRP A 135 16.21 7.56 4.89
N ALA A 136 17.55 7.72 4.91
CA ALA A 136 18.45 6.55 4.83
C ALA A 136 18.26 5.66 6.03
N LYS A 137 18.03 6.24 7.21
CA LYS A 137 17.77 5.46 8.42
C LYS A 137 16.48 4.64 8.33
N LEU A 138 15.48 5.20 7.70
CA LEU A 138 14.24 4.43 7.45
C LEU A 138 14.45 3.28 6.47
N VAL A 139 15.04 3.62 5.31
CA VAL A 139 15.41 2.60 4.29
C VAL A 139 16.28 1.51 4.93
N ALA A 140 17.12 1.86 5.89
CA ALA A 140 17.98 0.85 6.59
C ALA A 140 17.25 -0.23 7.33
N VAL A 141 16.03 0.13 7.81
CA VAL A 141 15.16 -0.77 8.56
C VAL A 141 14.70 -1.85 7.58
N VAL A 142 14.34 -1.43 6.36
CA VAL A 142 13.95 -2.44 5.33
C VAL A 142 15.20 -3.31 4.99
N GLN A 143 16.30 -2.59 4.81
CA GLN A 143 17.57 -3.30 4.50
C GLN A 143 17.85 -4.43 5.47
N ALA A 144 17.73 -4.19 6.77
CA ALA A 144 17.93 -5.18 7.81
C ALA A 144 17.00 -6.38 7.65
N ALA A 145 15.89 -6.22 6.99
CA ALA A 145 14.95 -7.32 6.69
C ALA A 145 15.23 -8.11 5.44
N LEU A 146 16.21 -7.78 4.62
CA LEU A 146 16.40 -8.39 3.29
C LEU A 146 17.50 -9.46 3.22
N SER B 2 -15.43 -2.54 -19.25
CA SER B 2 -14.10 -2.17 -18.81
C SER B 2 -14.09 -1.70 -17.33
N VAL B 3 -12.89 -1.77 -16.77
CA VAL B 3 -12.62 -1.26 -15.43
C VAL B 3 -12.94 0.25 -15.42
N TYR B 4 -12.50 0.86 -16.51
CA TYR B 4 -12.72 2.30 -16.69
C TYR B 4 -14.19 2.57 -16.61
N ASP B 5 -14.98 1.73 -17.26
CA ASP B 5 -16.44 1.89 -17.29
C ASP B 5 -17.02 1.82 -15.87
N ALA B 6 -16.71 0.76 -15.18
CA ALA B 6 -17.02 0.50 -13.79
C ALA B 6 -16.52 1.71 -12.97
N ALA B 7 -15.28 2.10 -13.07
CA ALA B 7 -14.77 3.26 -12.30
C ALA B 7 -15.59 4.51 -12.59
N ALA B 8 -15.65 4.82 -13.87
CA ALA B 8 -16.36 5.97 -14.42
C ALA B 8 -17.81 6.03 -13.92
N GLN B 9 -18.36 4.89 -13.57
CA GLN B 9 -19.78 4.89 -13.17
C GLN B 9 -20.02 5.36 -11.75
N LEU B 10 -19.08 5.30 -10.79
CA LEU B 10 -19.21 5.75 -9.41
C LEU B 10 -19.66 7.24 -9.34
N THR B 11 -20.82 7.46 -8.74
CA THR B 11 -21.37 8.86 -8.83
C THR B 11 -20.95 9.68 -7.63
N ALA B 12 -21.25 10.98 -7.72
CA ALA B 12 -20.95 11.89 -6.61
C ALA B 12 -21.54 11.39 -5.28
N ASP B 13 -22.71 10.83 -5.30
CA ASP B 13 -23.36 10.31 -4.06
C ASP B 13 -22.61 9.10 -3.51
N VAL B 14 -22.24 8.20 -4.44
CA VAL B 14 -21.52 6.98 -3.99
C VAL B 14 -20.17 7.40 -3.43
N LYS B 15 -19.52 8.37 -4.12
CA LYS B 15 -18.19 8.85 -3.67
C LYS B 15 -18.29 9.44 -2.27
N LYS B 16 -19.31 10.28 -2.05
CA LYS B 16 -19.54 10.90 -0.74
C LYS B 16 -19.69 9.81 0.31
N ASP B 17 -20.53 8.81 0.10
CA ASP B 17 -20.74 7.73 1.06
C ASP B 17 -19.41 6.99 1.37
N LEU B 18 -18.60 6.74 0.33
CA LEU B 18 -17.32 6.08 0.55
C LEU B 18 -16.39 6.91 1.46
N ARG B 19 -16.26 8.16 1.09
CA ARG B 19 -15.38 9.08 1.81
C ARG B 19 -15.83 9.23 3.26
N ASP B 20 -17.10 9.41 3.45
CA ASP B 20 -17.67 9.59 4.80
C ASP B 20 -17.41 8.38 5.69
N SER B 21 -17.69 7.18 5.14
CA SER B 21 -17.50 5.97 5.94
C SER B 21 -15.99 5.69 6.15
N TRP B 22 -15.17 5.93 5.17
CA TRP B 22 -13.71 5.74 5.28
C TRP B 22 -13.12 6.68 6.31
N LYS B 23 -13.59 7.92 6.41
CA LYS B 23 -13.18 8.82 7.49
C LYS B 23 -13.17 8.12 8.86
N VAL B 24 -14.10 7.18 9.07
CA VAL B 24 -14.21 6.44 10.32
C VAL B 24 -13.46 5.11 10.25
N ILE B 25 -13.83 4.30 9.26
CA ILE B 25 -13.23 2.97 9.14
C ILE B 25 -11.72 3.02 8.98
N GLY B 26 -11.22 3.96 8.22
CA GLY B 26 -9.82 4.10 7.87
C GLY B 26 -9.01 4.79 8.94
N SER B 27 -9.69 5.25 10.01
CA SER B 27 -8.93 5.89 11.12
C SER B 27 -8.31 4.86 12.02
N ASP B 28 -8.72 3.59 12.01
CA ASP B 28 -8.00 2.63 12.91
C ASP B 28 -7.63 1.47 11.94
N LYS B 29 -6.48 1.63 11.28
CA LYS B 29 -6.25 0.63 10.19
C LYS B 29 -5.88 -0.70 10.75
N LYS B 30 -5.06 -0.71 11.81
CA LYS B 30 -4.78 -1.97 12.52
C LYS B 30 -6.03 -2.66 13.05
N GLY B 31 -6.84 -1.94 13.82
CA GLY B 31 -8.01 -2.64 14.45
C GLY B 31 -9.00 -3.08 13.37
N ASN B 32 -9.31 -2.19 12.45
CA ASN B 32 -10.30 -2.42 11.43
C ASN B 32 -9.81 -3.42 10.36
N GLY B 33 -8.56 -3.30 9.97
CA GLY B 33 -8.02 -4.28 8.98
C GLY B 33 -8.03 -5.68 9.56
N VAL B 34 -7.58 -5.85 10.80
CA VAL B 34 -7.56 -7.18 11.46
C VAL B 34 -8.99 -7.73 11.60
N ALA B 35 -9.89 -6.87 12.02
CA ALA B 35 -11.29 -7.20 12.07
C ALA B 35 -11.80 -7.74 10.74
N LEU B 36 -11.56 -7.06 9.64
CA LEU B 36 -11.92 -7.48 8.29
C LEU B 36 -11.45 -8.90 7.97
N MET B 37 -10.13 -9.09 8.23
CA MET B 37 -9.51 -10.39 7.92
C MET B 37 -10.08 -11.52 8.75
N THR B 38 -10.18 -11.29 10.05
CA THR B 38 -10.71 -12.34 10.96
C THR B 38 -12.18 -12.60 10.65
N THR B 39 -12.99 -11.64 10.29
CA THR B 39 -14.36 -11.92 9.82
C THR B 39 -14.40 -12.74 8.53
N LEU B 40 -13.53 -12.37 7.56
CA LEU B 40 -13.43 -13.23 6.38
C LEU B 40 -13.20 -14.67 6.82
N PHE B 41 -12.21 -14.95 7.63
CA PHE B 41 -11.80 -16.28 8.04
C PHE B 41 -12.95 -16.99 8.79
N ALA B 42 -13.70 -16.21 9.56
CA ALA B 42 -14.77 -16.87 10.37
C ALA B 42 -15.93 -17.27 9.49
N ASP B 43 -16.24 -16.42 8.53
CA ASP B 43 -17.43 -16.62 7.70
C ASP B 43 -17.17 -17.42 6.45
N ASN B 44 -15.93 -17.44 5.98
CA ASN B 44 -15.50 -18.08 4.72
C ASN B 44 -14.26 -18.90 4.98
N GLN B 45 -14.45 -19.96 5.75
CA GLN B 45 -13.36 -20.83 6.26
C GLN B 45 -12.56 -21.43 5.08
N GLU B 46 -13.26 -21.54 3.96
CA GLU B 46 -12.61 -22.11 2.74
C GLU B 46 -11.51 -21.23 2.20
N THR B 47 -11.38 -19.99 2.59
CA THR B 47 -10.35 -19.06 2.13
C THR B 47 -9.06 -19.17 2.93
N ILE B 48 -9.12 -19.80 4.10
CA ILE B 48 -7.99 -19.86 5.04
C ILE B 48 -6.70 -20.39 4.35
N GLY B 49 -6.95 -21.43 3.55
CA GLY B 49 -5.84 -22.05 2.81
C GLY B 49 -5.03 -21.07 1.95
N TYR B 50 -5.67 -20.09 1.35
CA TYR B 50 -4.97 -19.14 0.49
C TYR B 50 -3.93 -18.32 1.29
N PHE B 51 -4.06 -18.31 2.58
CA PHE B 51 -3.23 -17.36 3.37
C PHE B 51 -2.15 -18.07 4.13
N LYS B 52 -1.73 -19.25 3.65
CA LYS B 52 -0.74 -20.05 4.36
C LYS B 52 0.53 -19.30 4.70
N ARG B 53 0.93 -18.33 3.90
CA ARG B 53 2.12 -17.55 4.24
C ARG B 53 1.99 -16.84 5.58
N LEU B 54 0.78 -16.49 5.98
CA LEU B 54 0.53 -15.75 7.22
C LEU B 54 0.59 -16.65 8.46
N GLY B 55 0.66 -17.97 8.26
CA GLY B 55 0.82 -18.87 9.44
C GLY B 55 -0.53 -19.08 10.10
N ASN B 56 -0.56 -19.16 11.43
CA ASN B 56 -1.85 -19.46 12.13
C ASN B 56 -2.65 -18.15 12.29
N VAL B 57 -3.61 -18.05 11.37
CA VAL B 57 -4.46 -16.84 11.32
C VAL B 57 -5.39 -16.79 12.53
N SER B 58 -5.55 -17.92 13.20
CA SER B 58 -6.39 -17.92 14.42
C SER B 58 -5.78 -17.07 15.53
N GLN B 59 -4.52 -16.73 15.50
CA GLN B 59 -3.83 -15.93 16.53
C GLN B 59 -4.21 -14.44 16.49
N GLY B 60 -4.99 -14.02 15.51
CA GLY B 60 -5.54 -12.67 15.47
C GLY B 60 -4.39 -11.65 15.47
N MET B 61 -4.60 -10.62 16.22
CA MET B 61 -3.68 -9.46 16.33
C MET B 61 -2.29 -9.88 16.77
N ALA B 62 -2.20 -10.98 17.49
CA ALA B 62 -0.92 -11.47 17.98
C ALA B 62 0.03 -11.96 16.88
N ASN B 63 -0.47 -12.36 15.75
CA ASN B 63 0.25 -12.88 14.58
C ASN B 63 0.75 -11.66 13.79
N ASP B 64 2.05 -11.49 13.91
CA ASP B 64 2.74 -10.33 13.28
C ASP B 64 2.56 -10.33 11.74
N LYS B 65 2.59 -11.47 11.11
CA LYS B 65 2.42 -11.49 9.63
C LYS B 65 0.98 -11.11 9.22
N LEU B 66 0.05 -11.53 10.06
CA LEU B 66 -1.36 -11.22 9.86
C LEU B 66 -1.60 -9.71 10.08
N ARG B 67 -0.96 -9.23 11.14
CA ARG B 67 -1.13 -7.79 11.43
C ARG B 67 -0.51 -7.01 10.28
N GLY B 68 0.68 -7.39 9.80
CA GLY B 68 1.28 -6.59 8.70
C GLY B 68 0.46 -6.62 7.42
N HIS B 69 -0.15 -7.80 7.14
CA HIS B 69 -0.93 -7.92 5.89
C HIS B 69 -2.20 -7.04 6.01
N SER B 70 -2.77 -7.06 7.22
CA SER B 70 -4.06 -6.36 7.47
C SER B 70 -3.91 -4.83 7.41
N ILE B 71 -2.81 -4.34 7.97
CA ILE B 71 -2.59 -2.86 7.94
C ILE B 71 -2.39 -2.45 6.45
N THR B 72 -1.56 -3.27 5.81
CA THR B 72 -1.27 -3.04 4.36
C THR B 72 -2.53 -3.07 3.54
N LEU B 73 -3.45 -4.00 3.79
CA LEU B 73 -4.72 -4.03 3.06
C LEU B 73 -5.46 -2.70 3.15
N MET B 74 -5.41 -2.09 4.33
CA MET B 74 -6.13 -0.83 4.64
C MET B 74 -5.54 0.30 3.82
N TYR B 75 -4.24 0.20 3.51
CA TYR B 75 -3.60 1.25 2.67
C TYR B 75 -3.93 1.08 1.20
N ALA B 76 -4.25 -0.14 0.80
CA ALA B 76 -4.78 -0.33 -0.59
C ALA B 76 -6.10 0.39 -0.70
N LEU B 77 -6.91 0.26 0.36
CA LEU B 77 -8.24 0.94 0.34
C LEU B 77 -7.98 2.48 0.42
N GLN B 78 -7.02 2.85 1.23
CA GLN B 78 -6.70 4.28 1.32
C GLN B 78 -6.43 4.83 -0.09
N ASN B 79 -5.59 4.05 -0.78
CA ASN B 79 -5.20 4.39 -2.18
C ASN B 79 -6.42 4.55 -3.08
N PHE B 80 -7.27 3.57 -3.09
CA PHE B 80 -8.52 3.63 -3.88
C PHE B 80 -9.32 4.91 -3.58
N ILE B 81 -9.50 5.15 -2.29
CA ILE B 81 -10.32 6.27 -1.88
C ILE B 81 -9.72 7.61 -2.36
N ASP B 82 -8.42 7.77 -2.21
CA ASP B 82 -7.74 9.00 -2.64
C ASP B 82 -7.82 9.19 -4.18
N GLN B 83 -7.92 8.13 -4.96
CA GLN B 83 -8.03 8.20 -6.42
C GLN B 83 -9.47 8.37 -6.97
N LEU B 84 -10.50 8.50 -6.14
CA LEU B 84 -11.88 8.46 -6.67
C LEU B 84 -12.20 9.53 -7.71
N ASP B 85 -11.59 10.70 -7.55
CA ASP B 85 -11.88 11.81 -8.49
C ASP B 85 -11.16 11.70 -9.83
N ASN B 86 -10.21 10.84 -10.02
CA ASN B 86 -9.51 10.64 -11.29
C ASN B 86 -9.62 9.17 -11.68
N PRO B 87 -10.64 8.84 -12.46
CA PRO B 87 -10.80 7.49 -13.01
C PRO B 87 -9.55 6.90 -13.62
N ASP B 88 -8.75 7.73 -14.30
CA ASP B 88 -7.52 7.18 -14.94
C ASP B 88 -6.55 6.61 -13.88
N ASP B 89 -6.41 7.36 -12.81
CA ASP B 89 -5.50 6.94 -11.70
C ASP B 89 -6.08 5.75 -10.92
N LEU B 90 -7.40 5.83 -10.66
CA LEU B 90 -8.04 4.67 -9.97
C LEU B 90 -7.87 3.43 -10.80
N VAL B 91 -8.05 3.56 -12.13
CA VAL B 91 -7.93 2.33 -12.98
C VAL B 91 -6.54 1.70 -12.86
N CYS B 92 -5.50 2.53 -12.94
CA CYS B 92 -4.12 2.00 -12.90
C CYS B 92 -3.77 1.44 -11.55
N VAL B 93 -4.35 1.98 -10.42
CA VAL B 93 -4.05 1.29 -9.11
C VAL B 93 -4.85 0.00 -8.94
N VAL B 94 -6.09 0.02 -9.36
CA VAL B 94 -6.94 -1.19 -9.36
C VAL B 94 -6.30 -2.37 -10.11
N GLU B 95 -5.81 -2.07 -11.32
CA GLU B 95 -5.15 -3.08 -12.16
C GLU B 95 -3.90 -3.64 -11.51
N LYS B 96 -3.18 -2.75 -10.79
CA LYS B 96 -1.98 -3.22 -10.03
C LYS B 96 -2.41 -4.20 -8.97
N PHE B 97 -3.42 -3.86 -8.14
CA PHE B 97 -3.86 -4.81 -7.11
C PHE B 97 -4.49 -6.06 -7.68
N ALA B 98 -5.18 -5.91 -8.80
CA ALA B 98 -5.80 -7.11 -9.47
C ALA B 98 -4.70 -8.13 -9.77
N VAL B 99 -3.57 -7.68 -10.28
CA VAL B 99 -2.46 -8.57 -10.66
C VAL B 99 -2.02 -9.39 -9.45
N ASN B 100 -1.90 -8.75 -8.29
CA ASN B 100 -1.56 -9.43 -7.04
C ASN B 100 -2.53 -10.60 -6.76
N HIS B 101 -3.78 -10.48 -7.20
CA HIS B 101 -4.77 -11.52 -6.88
C HIS B 101 -4.90 -12.54 -7.95
N ILE B 102 -4.75 -12.07 -9.18
CA ILE B 102 -4.82 -13.01 -10.35
C ILE B 102 -3.74 -14.05 -10.23
N THR B 103 -2.58 -13.59 -9.79
CA THR B 103 -1.41 -14.47 -9.59
C THR B 103 -1.64 -15.48 -8.50
N ARG B 104 -2.59 -15.27 -7.62
CA ARG B 104 -2.91 -16.21 -6.51
C ARG B 104 -4.19 -17.01 -6.85
N LYS B 105 -4.60 -16.84 -8.07
CA LYS B 105 -5.73 -17.52 -8.67
C LYS B 105 -7.06 -17.18 -7.98
N ILE B 106 -7.25 -15.93 -7.59
CA ILE B 106 -8.45 -15.38 -6.95
C ILE B 106 -9.34 -14.81 -8.07
N SER B 107 -10.48 -15.49 -8.22
CA SER B 107 -11.54 -15.13 -9.15
C SER B 107 -12.28 -13.87 -8.70
N ALA B 108 -13.00 -13.26 -9.66
CA ALA B 108 -13.91 -12.13 -9.39
C ALA B 108 -14.94 -12.48 -8.31
N ALA B 109 -15.48 -13.71 -8.43
CA ALA B 109 -16.50 -14.14 -7.44
C ALA B 109 -15.87 -14.30 -6.07
N GLU B 110 -14.67 -14.86 -5.93
CA GLU B 110 -14.02 -15.11 -4.67
C GLU B 110 -13.58 -13.75 -4.09
N PHE B 111 -13.18 -12.84 -4.92
CA PHE B 111 -12.82 -11.48 -4.46
C PHE B 111 -14.05 -10.81 -3.78
N GLY B 112 -15.20 -11.00 -4.39
CA GLY B 112 -16.50 -10.51 -3.91
C GLY B 112 -16.84 -11.08 -2.51
N LYS B 113 -16.19 -12.13 -2.09
CA LYS B 113 -16.41 -12.63 -0.70
C LYS B 113 -16.03 -11.59 0.39
N ILE B 114 -15.29 -10.57 0.07
CA ILE B 114 -14.99 -9.49 1.03
C ILE B 114 -16.22 -8.61 1.38
N ASN B 115 -17.23 -8.55 0.56
CA ASN B 115 -18.42 -7.69 0.79
C ASN B 115 -19.04 -7.98 2.17
N GLY B 116 -19.12 -9.24 2.57
CA GLY B 116 -19.72 -9.66 3.86
C GLY B 116 -18.96 -8.98 5.00
N PRO B 117 -17.66 -9.31 5.15
CA PRO B 117 -16.84 -8.71 6.17
C PRO B 117 -16.94 -7.21 6.16
N ILE B 118 -16.98 -6.59 4.98
CA ILE B 118 -17.04 -5.11 4.93
C ILE B 118 -18.37 -4.60 5.54
N LYS B 119 -19.45 -5.25 5.09
CA LYS B 119 -20.78 -4.90 5.62
C LYS B 119 -20.75 -5.02 7.15
N LYS B 120 -20.17 -6.02 7.72
CA LYS B 120 -20.14 -6.23 9.20
C LYS B 120 -19.32 -5.15 9.88
N VAL B 121 -18.16 -4.88 9.29
CA VAL B 121 -17.29 -3.86 9.92
C VAL B 121 -18.01 -2.54 9.86
N LEU B 122 -18.62 -2.18 8.78
CA LEU B 122 -19.33 -0.91 8.61
C LEU B 122 -20.44 -0.77 9.72
N ALA B 123 -21.22 -1.84 9.73
CA ALA B 123 -22.30 -2.01 10.71
C ALA B 123 -21.84 -1.74 12.13
N SER B 124 -20.70 -2.19 12.50
CA SER B 124 -20.07 -2.07 13.79
C SER B 124 -19.92 -0.59 14.17
N LYS B 125 -19.76 0.25 13.16
CA LYS B 125 -19.69 1.72 13.34
C LYS B 125 -21.00 2.39 12.95
N ASN B 126 -22.09 1.67 12.88
CA ASN B 126 -23.43 2.14 12.53
C ASN B 126 -23.57 2.71 11.15
N PHE B 127 -22.74 2.28 10.20
CA PHE B 127 -22.98 2.57 8.77
C PHE B 127 -23.83 1.42 8.24
N GLY B 128 -25.01 1.72 7.80
CA GLY B 128 -25.97 0.72 7.32
C GLY B 128 -25.81 0.36 5.87
N ASP B 129 -26.89 -0.12 5.31
CA ASP B 129 -27.03 -0.74 4.01
C ASP B 129 -26.62 0.19 2.86
N LYS B 130 -26.97 1.44 2.92
CA LYS B 130 -26.60 2.43 1.89
C LYS B 130 -25.04 2.39 1.77
N TYR B 131 -24.39 2.39 2.90
CA TYR B 131 -22.87 2.37 2.91
C TYR B 131 -22.35 1.04 2.40
N ALA B 132 -22.94 -0.06 2.83
CA ALA B 132 -22.43 -1.39 2.29
C ALA B 132 -22.63 -1.47 0.79
N ASN B 133 -23.70 -0.96 0.21
CA ASN B 133 -23.95 -0.92 -1.24
C ASN B 133 -22.90 -0.05 -1.92
N ALA B 134 -22.56 1.08 -1.30
CA ALA B 134 -21.52 1.93 -1.90
C ALA B 134 -20.19 1.13 -1.98
N TRP B 135 -19.79 0.50 -0.91
CA TRP B 135 -18.54 -0.32 -0.87
C TRP B 135 -18.58 -1.46 -1.87
N ALA B 136 -19.72 -2.13 -2.01
CA ALA B 136 -19.89 -3.20 -3.05
C ALA B 136 -19.62 -2.66 -4.44
N LYS B 137 -19.98 -1.40 -4.68
CA LYS B 137 -19.72 -0.75 -5.99
C LYS B 137 -18.22 -0.53 -6.19
N LEU B 138 -17.50 -0.17 -5.12
CA LEU B 138 -16.01 -0.02 -5.27
C LEU B 138 -15.32 -1.37 -5.55
N VAL B 139 -15.73 -2.35 -4.74
CA VAL B 139 -15.26 -3.75 -4.89
C VAL B 139 -15.52 -4.16 -6.35
N ALA B 140 -16.61 -3.75 -6.94
CA ALA B 140 -17.04 -4.17 -8.28
C ALA B 140 -16.05 -3.64 -9.32
N VAL B 141 -15.38 -2.54 -9.02
CA VAL B 141 -14.32 -2.00 -9.87
C VAL B 141 -13.17 -2.99 -10.00
N VAL B 142 -12.73 -3.56 -8.87
CA VAL B 142 -11.70 -4.56 -8.80
C VAL B 142 -12.22 -5.83 -9.49
N GLN B 143 -13.45 -6.17 -9.25
CA GLN B 143 -13.98 -7.42 -9.92
C GLN B 143 -13.94 -7.26 -11.44
N ALA B 144 -14.05 -6.10 -11.99
CA ALA B 144 -14.04 -5.76 -13.41
C ALA B 144 -12.65 -6.08 -14.01
N ALA B 145 -11.65 -6.11 -13.17
CA ALA B 145 -10.28 -6.43 -13.51
C ALA B 145 -9.92 -7.87 -13.29
N LEU B 146 -10.78 -8.72 -12.76
CA LEU B 146 -10.45 -10.12 -12.41
C LEU B 146 -11.17 -11.14 -13.28
CHA HEM C . 7.61 -3.99 -5.90
CHB HEM C . 7.88 -0.60 -2.52
CHC HEM C . 12.53 0.15 -3.63
CHD HEM C . 12.32 -3.55 -6.78
C1A HEM C . 7.26 -3.14 -4.89
C2A HEM C . 5.92 -2.97 -4.33
C3A HEM C . 6.00 -2.06 -3.36
C4A HEM C . 7.36 -1.56 -3.35
CMA HEM C . 4.86 -1.53 -2.46
CAA HEM C . 4.70 -3.83 -4.78
CBA HEM C . 4.85 -5.26 -4.18
CGA HEM C . 4.02 -6.28 -4.96
O1A HEM C . 2.93 -5.86 -5.45
O2A HEM C . 4.55 -7.40 -5.03
C1B HEM C . 9.18 -0.18 -2.48
C2B HEM C . 9.67 0.89 -1.63
C3B HEM C . 10.95 1.09 -1.90
C4B HEM C . 11.29 0.22 -3.04
CMB HEM C . 8.80 1.52 -0.49
CAB HEM C . 11.98 2.04 -1.28
CBB HEM C . 11.70 3.23 -0.83
C1C HEM C . 12.86 -0.79 -4.57
C2C HEM C . 14.17 -0.90 -5.23
C3C HEM C . 14.12 -1.98 -6.05
C4C HEM C . 12.76 -2.49 -6.03
CMC HEM C . 15.39 0.00 -4.90
CAC HEM C . 15.18 -2.50 -7.07
CBC HEM C . 16.48 -2.34 -6.70
C1D HEM C . 11.01 -3.95 -6.89
C2D HEM C . 10.44 -4.84 -7.90
C3D HEM C . 9.15 -4.99 -7.63
C4D HEM C . 8.83 -4.12 -6.51
CMD HEM C . 11.29 -5.49 -9.02
CAD HEM C . 8.05 -5.75 -8.38
CBD HEM C . 7.49 -4.90 -9.57
CGD HEM C . 6.42 -5.69 -10.34
O1D HEM C . 6.82 -6.61 -11.10
O2D HEM C . 5.26 -5.31 -10.07
NA HEM C . 8.10 -2.22 -4.31
NB HEM C . 10.21 -0.51 -3.37
NC HEM C . 12.04 -1.77 -5.09
ND HEM C . 9.98 -3.49 -6.06
FE HEM C . 10.09 -2.05 -4.67
O1 OXY D . 9.77 -0.89 -5.94
O2 OXY D . 10.18 -0.19 -6.79
CHA HEM E . -2.72 -10.17 -0.81
CHB HEM E . -5.53 -6.30 -0.79
CHC HEM E . -9.35 -9.14 -0.77
CHD HEM E . -6.58 -13.02 -1.21
C1A HEM E . -3.08 -8.85 -0.79
C2A HEM E . -2.24 -7.69 -0.70
C3A HEM E . -3.02 -6.61 -0.71
C4A HEM E . -4.38 -7.07 -0.77
CMA HEM E . -2.62 -5.12 -0.62
CAA HEM E . -0.68 -7.80 -0.67
CBA HEM E . -0.20 -8.21 -2.13
CGA HEM E . 1.26 -8.66 -2.17
O1A HEM E . 2.03 -7.90 -1.50
O2A HEM E . 1.56 -9.69 -2.85
C1B HEM E . -6.83 -6.70 -0.78
C2B HEM E . -8.01 -5.84 -0.76
C3B HEM E . -9.09 -6.64 -0.74
C4B HEM E . -8.61 -8.02 -0.78
CMB HEM E . -7.92 -4.29 -0.77
CAB HEM E . -10.60 -6.32 -0.62
CBB HEM E . -11.03 -5.14 -0.21
C1C HEM E . -8.98 -10.45 -0.85
C2C HEM E . -9.85 -11.61 -0.83
C3C HEM E . -9.10 -12.70 -0.97
C4C HEM E . -7.71 -12.24 -1.07
CMC HEM E . -11.40 -11.44 -0.72
CAC HEM E . -9.45 -14.19 -1.01
CBC HEM E . -10.64 -14.62 -1.38
C1D HEM E . -5.25 -12.58 -1.12
C2D HEM E . -4.09 -13.46 -0.99
C3D HEM E . -3.03 -12.65 -0.85
C4D HEM E . -3.48 -11.30 -0.88
CMD HEM E . -4.17 -14.98 -0.97
CAD HEM E . -1.55 -13.10 -0.63
CBD HEM E . -1.25 -13.25 0.88
CGD HEM E . 0.23 -13.56 1.13
O1D HEM E . 0.55 -14.76 0.97
O2D HEM E . 0.96 -12.60 1.44
NA HEM E . -4.41 -8.44 -0.80
NB HEM E . -7.23 -8.02 -0.81
NC HEM E . -7.67 -10.86 -1.01
ND HEM E . -4.85 -11.29 -1.03
FE HEM E . -6.04 -9.65 -0.91
O1 OXY F . -6.01 -9.64 0.87
O2 OXY F . -6.35 -10.41 1.71
#